data_9K1M
#
_entry.id   9K1M
#
_cell.length_a   61.348
_cell.length_b   68.743
_cell.length_c   81.134
_cell.angle_alpha   90.00
_cell.angle_beta   90.00
_cell.angle_gamma   90.00
#
_symmetry.space_group_name_H-M   'P 21 21 21'
#
loop_
_entity.id
_entity.type
_entity.pdbx_description
1 polymer 'Xylanase inhibitor protein XIP'
2 water water
#
_entity_poly.entity_id   1
_entity_poly.type   'polypeptide(L)'
_entity_poly.pdbx_seq_one_letter_code
;MAVSATSQNTGDTVIIWGRNKDEGSLREACDAGRYTTVIISFLSAFGYIPGTYKLDISGHQVSAVGPDIKYCQSKGKLIL
LAIGGQGGEYSLPSSQAAVDLHDHLWYSYLGGRRNGVYRPFGDANVNGIDFFIDQGAREHYNELAKMLYDHNKDYRATVG
VMVTATTRCGYPDHRLDEALATGLFHRIHVKMFSDGRCPAWSRRQSFEKWAKTYPQSRVLIGVVASPDVDKDAYMPPEAL
NNLLQFINKQPNFGGVMVWDRFYDKKTGFTAHLHHHHHH
;
_entity_poly.pdbx_strand_id   A
#
# COMPACT_ATOMS: atom_id res chain seq x y z
N SER A 7 -16.01 -10.68 -12.65
CA SER A 7 -16.58 -10.03 -11.48
C SER A 7 -16.73 -8.54 -11.77
N GLN A 8 -17.21 -7.77 -10.81
CA GLN A 8 -17.31 -6.34 -11.07
C GLN A 8 -15.98 -5.63 -10.82
N ASN A 9 -14.94 -6.34 -10.38
CA ASN A 9 -13.63 -5.71 -10.27
C ASN A 9 -12.98 -5.77 -11.65
N THR A 10 -13.06 -4.67 -12.38
CA THR A 10 -12.46 -4.54 -13.71
C THR A 10 -10.99 -4.18 -13.65
N GLY A 11 -10.40 -4.02 -12.45
CA GLY A 11 -9.05 -3.51 -12.37
C GLY A 11 -8.09 -4.46 -11.67
N ASP A 12 -7.08 -3.89 -11.00
CA ASP A 12 -6.05 -4.68 -10.30
C ASP A 12 -6.63 -5.32 -9.04
N THR A 13 -5.92 -6.35 -8.54
CA THR A 13 -6.20 -6.94 -7.23
C THR A 13 -4.90 -6.85 -6.45
N VAL A 14 -4.89 -6.05 -5.40
CA VAL A 14 -3.69 -5.75 -4.66
C VAL A 14 -3.83 -6.37 -3.29
N ILE A 15 -2.84 -7.14 -2.83
CA ILE A 15 -2.92 -7.81 -1.55
C ILE A 15 -1.87 -7.24 -0.60
N ILE A 16 -2.26 -7.02 0.66
CA ILE A 16 -1.33 -6.67 1.72
C ILE A 16 -0.63 -7.93 2.19
N TRP A 17 0.68 -7.91 2.32
CA TRP A 17 1.43 -9.05 2.82
C TRP A 17 2.43 -8.54 3.85
N GLY A 18 2.72 -9.37 4.86
CA GLY A 18 3.69 -8.97 5.87
C GLY A 18 3.14 -8.90 7.27
N ARG A 19 1.82 -9.03 7.46
CA ARG A 19 1.22 -8.83 8.79
C ARG A 19 1.12 -10.12 9.60
N ASN A 20 1.45 -11.27 9.02
CA ASN A 20 1.42 -12.52 9.80
C ASN A 20 2.32 -13.51 9.09
N LYS A 21 3.39 -13.99 9.74
CA LYS A 21 4.31 -14.92 9.10
C LYS A 21 3.59 -16.18 8.62
N ASP A 22 2.48 -16.52 9.30
CA ASP A 22 1.74 -17.76 8.96
C ASP A 22 0.92 -17.64 7.71
N GLU A 23 0.97 -16.50 6.99
CA GLU A 23 0.31 -16.37 5.70
C GLU A 23 1.11 -16.99 4.57
N GLY A 24 2.33 -17.45 4.82
CA GLY A 24 3.14 -18.05 3.78
C GLY A 24 4.03 -17.04 3.08
N SER A 25 4.86 -17.56 2.20
CA SER A 25 5.88 -16.72 1.55
C SER A 25 5.27 -15.74 0.54
N LEU A 26 6.10 -14.79 0.13
CA LEU A 26 5.70 -13.88 -0.92
C LEU A 26 5.51 -14.64 -2.23
N ARG A 27 6.40 -15.60 -2.54
CA ARG A 27 6.20 -16.37 -3.77
C ARG A 27 4.86 -17.11 -3.76
N GLU A 28 4.46 -17.68 -2.61
CA GLU A 28 3.15 -18.34 -2.55
C GLU A 28 2.04 -17.36 -2.95
N ALA A 29 2.08 -16.11 -2.45
CA ALA A 29 1.05 -15.16 -2.81
C ALA A 29 1.06 -14.91 -4.31
N CYS A 30 2.25 -14.82 -4.92
CA CYS A 30 2.31 -14.56 -6.34
C CYS A 30 1.88 -15.75 -7.17
N ASP A 31 2.05 -16.98 -6.66
CA ASP A 31 1.62 -18.17 -7.39
C ASP A 31 0.13 -18.48 -7.17
N ALA A 32 -0.57 -17.71 -6.35
CA ALA A 32 -1.96 -18.07 -6.00
C ALA A 32 -2.91 -17.87 -7.17
N GLY A 33 -2.51 -17.08 -8.17
CA GLY A 33 -3.40 -16.83 -9.27
C GLY A 33 -4.45 -15.78 -8.98
N ARG A 34 -4.21 -14.91 -7.99
CA ARG A 34 -5.26 -14.00 -7.51
C ARG A 34 -4.88 -12.53 -7.58
N TYR A 35 -3.60 -12.20 -7.59
CA TYR A 35 -3.19 -10.83 -7.32
C TYR A 35 -2.36 -10.30 -8.48
N THR A 36 -2.48 -9.00 -8.73
CA THR A 36 -1.58 -8.34 -9.66
C THR A 36 -0.43 -7.62 -8.95
N THR A 37 -0.60 -7.28 -7.67
CA THR A 37 0.33 -6.46 -6.94
C THR A 37 0.34 -6.93 -5.50
N VAL A 38 1.50 -6.93 -4.88
CA VAL A 38 1.62 -7.20 -3.44
C VAL A 38 2.22 -5.96 -2.78
N ILE A 39 1.63 -5.51 -1.67
CA ILE A 39 2.18 -4.43 -0.87
C ILE A 39 2.81 -5.06 0.37
N ILE A 40 4.14 -5.04 0.45
CA ILE A 40 4.87 -5.54 1.62
C ILE A 40 4.76 -4.51 2.73
N SER A 41 4.27 -4.92 3.90
CA SER A 41 3.88 -3.98 4.96
C SER A 41 4.56 -4.45 6.25
N PHE A 42 5.35 -3.62 6.95
CA PHE A 42 5.57 -2.18 6.75
C PHE A 42 7.00 -1.83 7.09
N LEU A 43 7.53 -0.76 6.45
CA LEU A 43 8.65 -0.06 7.09
C LEU A 43 8.02 0.83 8.14
N SER A 44 8.10 0.41 9.40
CA SER A 44 7.19 0.92 10.43
C SER A 44 7.83 1.92 11.39
N ALA A 45 9.13 2.13 11.32
CA ALA A 45 9.78 3.11 12.19
C ALA A 45 10.74 3.95 11.37
N PHE A 46 10.64 5.26 11.54
CA PHE A 46 11.50 6.22 10.89
C PHE A 46 11.19 7.59 11.47
N GLY A 47 12.13 8.51 11.27
CA GLY A 47 11.92 9.95 11.54
C GLY A 47 12.06 10.39 12.95
N TYR A 48 11.46 9.68 13.91
CA TYR A 48 11.57 10.11 15.30
C TYR A 48 13.00 10.03 15.82
N ILE A 49 13.82 9.11 15.31
CA ILE A 49 15.19 8.91 15.78
C ILE A 49 16.12 8.90 14.58
N PRO A 50 17.05 9.85 14.47
CA PRO A 50 17.94 9.86 13.30
C PRO A 50 18.72 8.56 13.15
N GLY A 51 18.67 8.00 11.94
CA GLY A 51 19.37 6.77 11.68
C GLY A 51 18.68 5.50 12.13
N THR A 52 17.54 5.57 12.82
CA THR A 52 16.77 4.40 13.23
C THR A 52 15.63 4.15 12.23
N TYR A 53 15.64 2.97 11.62
CA TYR A 53 14.61 2.52 10.69
C TYR A 53 14.32 1.09 11.05
N LYS A 54 13.04 0.70 11.00
CA LYS A 54 12.67 -0.70 11.29
C LYS A 54 11.75 -1.21 10.19
N LEU A 55 12.01 -2.42 9.74
CA LEU A 55 11.12 -3.17 8.85
C LEU A 55 10.40 -4.20 9.72
N ASP A 56 9.09 -4.10 9.77
CA ASP A 56 8.26 -5.05 10.54
C ASP A 56 7.46 -5.84 9.54
N ILE A 57 7.93 -7.05 9.21
CA ILE A 57 7.12 -7.97 8.43
C ILE A 57 6.77 -9.20 9.28
N SER A 58 6.55 -8.94 10.57
CA SER A 58 5.90 -9.92 11.46
C SER A 58 6.71 -11.19 11.62
N GLY A 59 8.03 -11.14 11.48
CA GLY A 59 8.81 -12.35 11.61
C GLY A 59 8.99 -13.17 10.33
N HIS A 60 8.37 -12.75 9.22
CA HIS A 60 8.74 -13.36 7.95
C HIS A 60 10.26 -13.26 7.76
N GLN A 61 10.84 -14.29 7.17
CA GLN A 61 12.28 -14.28 6.96
C GLN A 61 12.64 -13.34 5.83
N VAL A 62 13.45 -12.33 6.14
CA VAL A 62 13.82 -11.38 5.12
C VAL A 62 14.65 -12.05 4.03
N SER A 63 15.36 -13.14 4.35
CA SER A 63 16.20 -13.78 3.34
C SER A 63 15.40 -14.48 2.26
N ALA A 64 14.13 -14.76 2.48
CA ALA A 64 13.27 -15.35 1.46
C ALA A 64 12.67 -14.29 0.55
N VAL A 65 12.60 -13.04 1.01
CA VAL A 65 11.80 -12.05 0.29
C VAL A 65 12.45 -11.65 -1.03
N GLY A 66 13.77 -11.35 -1.05
CA GLY A 66 14.39 -10.89 -2.28
C GLY A 66 14.27 -11.85 -3.47
N PRO A 67 14.62 -13.12 -3.28
CA PRO A 67 14.40 -14.10 -4.37
C PRO A 67 12.94 -14.17 -4.79
N ASP A 68 12.01 -14.05 -3.82
CA ASP A 68 10.60 -14.08 -4.16
C ASP A 68 10.17 -12.83 -4.92
N ILE A 69 10.72 -11.66 -4.60
CA ILE A 69 10.38 -10.46 -5.36
C ILE A 69 10.76 -10.64 -6.82
N LYS A 70 12.00 -11.14 -7.06
CA LYS A 70 12.44 -11.31 -8.45
C LYS A 70 11.56 -12.32 -9.16
N TYR A 71 11.19 -13.40 -8.48
CA TYR A 71 10.30 -14.39 -9.08
C TYR A 71 8.95 -13.74 -9.42
N CYS A 72 8.37 -13.04 -8.44
CA CYS A 72 7.08 -12.40 -8.66
C CYS A 72 7.13 -11.47 -9.85
N GLN A 73 8.18 -10.63 -9.94
CA GLN A 73 8.31 -9.71 -11.07
C GLN A 73 8.48 -10.45 -12.41
N SER A 74 9.17 -11.59 -12.39
CA SER A 74 9.30 -12.37 -13.63
C SER A 74 7.95 -12.90 -14.08
N LYS A 75 7.00 -13.07 -13.16
CA LYS A 75 5.63 -13.49 -13.46
C LYS A 75 4.71 -12.30 -13.71
N GLY A 76 5.26 -11.08 -13.81
CA GLY A 76 4.48 -9.91 -14.13
C GLY A 76 3.81 -9.22 -12.96
N LYS A 77 4.12 -9.61 -11.72
CA LYS A 77 3.50 -8.97 -10.54
C LYS A 77 4.31 -7.74 -10.14
N LEU A 78 3.59 -6.75 -9.64
CA LEU A 78 4.24 -5.56 -9.08
C LEU A 78 4.37 -5.71 -7.56
N ILE A 79 5.49 -5.25 -7.02
CA ILE A 79 5.77 -5.35 -5.59
C ILE A 79 6.01 -3.96 -5.07
N LEU A 80 5.25 -3.51 -4.06
CA LEU A 80 5.46 -2.21 -3.43
C LEU A 80 5.87 -2.43 -2.00
N LEU A 81 6.65 -1.51 -1.44
CA LEU A 81 6.91 -1.48 0.00
C LEU A 81 6.05 -0.39 0.58
N ALA A 82 5.26 -0.72 1.61
CA ALA A 82 4.51 0.31 2.32
C ALA A 82 5.32 0.87 3.46
N ILE A 83 5.39 2.19 3.54
CA ILE A 83 5.96 2.91 4.67
C ILE A 83 4.81 3.27 5.59
N GLY A 84 5.11 3.29 6.92
CA GLY A 84 4.12 3.73 7.89
C GLY A 84 3.47 2.55 8.55
N GLY A 85 2.16 2.45 8.43
CA GLY A 85 1.39 1.39 9.05
C GLY A 85 0.57 1.91 10.22
N GLN A 86 0.18 0.99 11.11
CA GLN A 86 -0.76 1.32 12.19
C GLN A 86 -0.07 1.63 13.51
N GLY A 87 1.26 1.63 13.57
CA GLY A 87 1.98 1.82 14.83
C GLY A 87 2.34 3.26 15.08
N GLY A 88 3.03 3.48 16.21
CA GLY A 88 3.31 4.83 16.66
C GLY A 88 4.77 5.19 16.56
N GLU A 89 5.57 4.49 15.74
CA GLU A 89 7.02 4.71 15.72
C GLU A 89 7.48 5.48 14.50
N TYR A 90 6.59 6.18 13.81
CA TYR A 90 7.03 6.88 12.62
C TYR A 90 6.35 8.25 12.46
N SER A 91 7.10 9.20 11.88
CA SER A 91 6.60 10.52 11.47
C SER A 91 7.79 11.18 10.77
N LEU A 92 7.56 12.34 10.15
CA LEU A 92 8.65 13.10 9.53
C LEU A 92 8.73 14.45 10.26
N PRO A 93 9.54 14.57 11.32
CA PRO A 93 9.52 15.82 12.11
C PRO A 93 10.20 16.99 11.44
N SER A 94 10.85 16.81 10.30
CA SER A 94 11.55 17.88 9.62
C SER A 94 11.74 17.49 8.17
N SER A 95 12.06 18.48 7.35
CA SER A 95 12.48 18.22 5.98
C SER A 95 13.67 17.27 5.92
N GLN A 96 14.65 17.44 6.82
CA GLN A 96 15.78 16.53 6.81
C GLN A 96 15.35 15.09 7.07
N ALA A 97 14.36 14.89 7.94
CA ALA A 97 13.84 13.54 8.14
C ALA A 97 13.30 12.96 6.83
N ALA A 98 12.64 13.79 6.03
CA ALA A 98 12.16 13.31 4.73
C ALA A 98 13.31 12.95 3.81
N VAL A 99 14.37 13.79 3.77
CA VAL A 99 15.52 13.45 2.93
C VAL A 99 16.16 12.15 3.41
N ASP A 100 16.30 11.99 4.73
CA ASP A 100 16.94 10.81 5.28
C ASP A 100 16.12 9.56 4.92
N LEU A 101 14.78 9.64 5.03
CA LEU A 101 13.95 8.48 4.70
C LEU A 101 14.02 8.19 3.21
N HIS A 102 13.99 9.25 2.39
CA HIS A 102 14.24 9.05 0.97
C HIS A 102 15.50 8.24 0.71
N ASP A 103 16.63 8.66 1.30
CA ASP A 103 17.88 7.99 1.02
C ASP A 103 17.86 6.56 1.53
N HIS A 104 17.23 6.35 2.70
CA HIS A 104 17.09 5.00 3.21
C HIS A 104 16.31 4.12 2.24
N LEU A 105 15.18 4.64 1.74
CA LEU A 105 14.38 3.83 0.82
C LEU A 105 15.13 3.55 -0.47
N TRP A 106 15.78 4.60 -1.02
CA TRP A 106 16.40 4.48 -2.35
C TRP A 106 17.54 3.47 -2.32
N TYR A 107 18.38 3.53 -1.28
CA TYR A 107 19.52 2.66 -1.23
C TYR A 107 19.25 1.33 -0.55
N SER A 108 18.19 1.24 0.29
CA SER A 108 17.91 -0.04 0.95
C SER A 108 16.92 -0.93 0.22
N TYR A 109 15.98 -0.34 -0.55
CA TYR A 109 14.86 -1.10 -1.11
C TYR A 109 14.63 -0.87 -2.60
N LEU A 110 14.94 0.34 -3.09
CA LEU A 110 14.67 0.67 -4.49
C LEU A 110 15.96 0.42 -5.30
N GLY A 111 16.07 1.06 -6.48
CA GLY A 111 17.17 0.72 -7.39
C GLY A 111 18.54 1.30 -7.03
N GLY A 112 18.63 2.15 -6.03
CA GLY A 112 19.95 2.69 -5.65
C GLY A 112 20.83 1.62 -5.03
N ARG A 113 22.17 1.79 -5.18
CA ARG A 113 23.10 0.87 -4.55
C ARG A 113 24.22 1.68 -3.92
N ARG A 114 24.54 1.35 -2.68
CA ARG A 114 25.70 1.92 -1.99
C ARG A 114 26.27 0.85 -1.08
N ASN A 115 27.53 0.49 -1.29
CA ASN A 115 28.16 -0.54 -0.50
C ASN A 115 28.14 -0.16 0.97
N GLY A 116 27.84 -1.16 1.81
CA GLY A 116 27.69 -0.98 3.23
C GLY A 116 26.25 -0.84 3.69
N VAL A 117 25.33 -0.45 2.80
CA VAL A 117 23.91 -0.33 3.15
C VAL A 117 23.31 -1.72 3.21
N TYR A 118 22.63 -2.02 4.32
CA TYR A 118 21.94 -3.29 4.47
C TYR A 118 20.68 -3.28 3.60
N ARG A 119 20.61 -4.20 2.64
CA ARG A 119 19.37 -4.34 1.86
C ARG A 119 18.66 -5.57 2.35
N PRO A 120 17.54 -5.43 3.08
CA PRO A 120 16.88 -6.65 3.60
C PRO A 120 16.53 -7.63 2.51
N PHE A 121 16.19 -7.16 1.30
CA PHE A 121 15.78 -8.04 0.22
C PHE A 121 16.89 -8.20 -0.82
N GLY A 122 18.12 -7.88 -0.42
CA GLY A 122 19.29 -8.23 -1.24
C GLY A 122 19.28 -7.47 -2.55
N ASP A 123 19.51 -8.20 -3.65
CA ASP A 123 19.61 -7.55 -4.95
C ASP A 123 18.27 -7.30 -5.63
N ALA A 124 17.16 -7.64 -4.99
CA ALA A 124 15.87 -7.34 -5.58
C ALA A 124 15.52 -5.86 -5.33
N ASN A 125 14.79 -5.28 -6.28
CA ASN A 125 14.27 -3.92 -6.17
C ASN A 125 12.75 -3.98 -6.08
N VAL A 126 12.16 -3.32 -5.07
CA VAL A 126 10.71 -3.14 -5.15
C VAL A 126 10.37 -2.16 -6.27
N ASN A 127 9.14 -2.24 -6.77
CA ASN A 127 8.66 -1.40 -7.85
C ASN A 127 8.21 -0.01 -7.40
N GLY A 128 8.11 0.24 -6.09
CA GLY A 128 7.64 1.53 -5.65
C GLY A 128 7.28 1.48 -4.18
N ILE A 129 6.77 2.61 -3.72
CA ILE A 129 6.53 2.86 -2.30
C ILE A 129 5.06 3.25 -2.13
N ASP A 130 4.35 2.58 -1.20
CA ASP A 130 3.02 2.99 -0.78
C ASP A 130 3.10 3.81 0.49
N PHE A 131 2.50 4.99 0.47
CA PHE A 131 2.47 5.87 1.65
C PHE A 131 1.25 5.48 2.48
N PHE A 132 1.47 4.51 3.37
CA PHE A 132 0.38 4.04 4.25
C PHE A 132 0.46 4.84 5.54
N ILE A 133 0.20 6.14 5.40
CA ILE A 133 0.45 7.10 6.51
C ILE A 133 -0.85 7.21 7.30
N ASP A 134 -1.06 6.21 8.15
CA ASP A 134 -2.25 6.09 8.97
C ASP A 134 -2.08 6.72 10.35
N GLN A 135 -0.85 7.05 10.71
CA GLN A 135 -0.50 7.51 12.05
C GLN A 135 0.55 8.60 11.94
N GLY A 136 0.86 9.24 13.07
CA GLY A 136 1.89 10.28 13.10
C GLY A 136 1.38 11.60 12.52
N ALA A 137 2.33 12.52 12.31
CA ALA A 137 1.96 13.85 11.81
C ALA A 137 2.02 13.87 10.29
N ARG A 138 1.43 14.90 9.68
CA ARG A 138 1.26 14.97 8.23
C ARG A 138 2.43 15.60 7.49
N GLU A 139 3.31 16.32 8.18
CA GLU A 139 4.21 17.19 7.45
C GLU A 139 5.29 16.42 6.69
N HIS A 140 5.71 16.99 5.56
CA HIS A 140 6.90 16.62 4.79
C HIS A 140 6.73 15.40 3.90
N TYR A 141 5.58 14.71 3.94
CA TYR A 141 5.38 13.62 2.99
C TYR A 141 5.31 14.12 1.56
N ASN A 142 4.87 15.37 1.35
CA ASN A 142 4.90 15.96 0.01
C ASN A 142 6.32 16.02 -0.54
N GLU A 143 7.27 16.34 0.33
CA GLU A 143 8.67 16.41 -0.07
C GLU A 143 9.21 15.03 -0.35
N LEU A 144 8.88 14.05 0.52
CA LEU A 144 9.31 12.68 0.23
C LEU A 144 8.76 12.18 -1.10
N ALA A 145 7.47 12.47 -1.39
CA ALA A 145 6.89 12.03 -2.65
C ALA A 145 7.63 12.62 -3.85
N LYS A 146 7.97 13.93 -3.78
CA LYS A 146 8.73 14.56 -4.85
C LYS A 146 10.10 13.90 -5.04
N MET A 147 10.80 13.62 -3.93
CA MET A 147 12.11 13.01 -4.02
C MET A 147 12.04 11.61 -4.61
N LEU A 148 11.02 10.82 -4.23
CA LEU A 148 10.90 9.49 -4.80
C LEU A 148 10.50 9.55 -6.27
N TYR A 149 9.55 10.43 -6.59
CA TYR A 149 9.08 10.52 -7.97
C TYR A 149 10.19 10.98 -8.90
N ASP A 150 11.11 11.79 -8.38
CA ASP A 150 12.10 12.41 -9.26
C ASP A 150 13.01 11.38 -9.92
N HIS A 151 13.10 10.17 -9.39
CA HIS A 151 13.88 9.12 -10.04
C HIS A 151 13.32 8.79 -11.41
N ASN A 152 12.02 8.97 -11.60
CA ASN A 152 11.37 8.74 -12.88
C ASN A 152 11.74 9.80 -13.91
N LYS A 153 12.21 10.94 -13.48
CA LYS A 153 12.64 12.01 -14.39
C LYS A 153 14.13 11.95 -14.60
N ASP A 154 14.77 11.04 -13.86
CA ASP A 154 16.20 10.82 -13.51
C ASP A 154 16.85 11.23 -12.14
N GLY A 160 11.17 1.99 -13.07
CA GLY A 160 10.43 3.10 -12.51
C GLY A 160 10.13 2.98 -11.02
N VAL A 161 9.82 4.14 -10.41
CA VAL A 161 9.41 4.21 -9.00
C VAL A 161 7.92 4.55 -9.01
N MET A 162 7.07 3.57 -8.66
CA MET A 162 5.66 3.88 -8.50
C MET A 162 5.44 4.51 -7.13
N VAL A 163 4.64 5.56 -7.10
CA VAL A 163 4.33 6.29 -5.86
C VAL A 163 2.84 6.13 -5.61
N THR A 164 2.49 5.44 -4.51
CA THR A 164 1.08 5.19 -4.20
C THR A 164 0.80 5.64 -2.78
N ALA A 165 -0.49 5.74 -2.45
CA ALA A 165 -0.88 6.08 -1.09
C ALA A 165 -2.03 5.18 -0.66
N THR A 166 -2.13 4.97 0.64
CA THR A 166 -3.28 4.27 1.20
C THR A 166 -3.88 5.17 2.26
N THR A 167 -5.15 5.58 2.05
CA THR A 167 -5.79 6.61 2.86
C THR A 167 -6.89 6.03 3.71
N ARG A 168 -7.30 6.76 4.75
CA ARG A 168 -8.54 6.45 5.45
C ARG A 168 -9.74 6.76 4.54
N CYS A 169 -10.92 6.38 5.04
CA CYS A 169 -12.07 6.28 4.14
C CYS A 169 -12.60 7.65 3.73
N GLY A 170 -12.62 8.61 4.66
CA GLY A 170 -13.24 9.89 4.36
C GLY A 170 -12.30 10.81 3.60
N TYR A 171 -12.88 11.52 2.59
CA TYR A 171 -12.06 12.54 1.94
C TYR A 171 -12.31 13.87 2.65
N PRO A 172 -11.25 14.63 2.97
CA PRO A 172 -9.84 14.37 2.75
C PRO A 172 -9.21 13.63 3.92
N ASP A 173 -8.10 12.98 3.62
CA ASP A 173 -7.26 12.37 4.67
C ASP A 173 -6.15 13.37 4.92
N HIS A 174 -6.19 14.01 6.08
CA HIS A 174 -5.22 15.10 6.30
C HIS A 174 -3.79 14.62 6.46
N ARG A 175 -3.56 13.32 6.66
CA ARG A 175 -2.19 12.84 6.68
C ARG A 175 -1.59 12.78 5.28
N LEU A 176 -2.42 12.65 4.25
CA LEU A 176 -1.98 12.43 2.88
C LEU A 176 -2.35 13.56 1.94
N ASP A 177 -3.25 14.46 2.32
CA ASP A 177 -3.80 15.41 1.35
C ASP A 177 -2.71 16.31 0.73
N GLU A 178 -1.78 16.79 1.53
CA GLU A 178 -0.74 17.66 0.98
C GLU A 178 0.16 16.87 0.05
N ALA A 179 0.47 15.62 0.41
CA ALA A 179 1.29 14.80 -0.50
C ALA A 179 0.54 14.51 -1.79
N LEU A 180 -0.76 14.19 -1.70
CA LEU A 180 -1.51 13.94 -2.91
C LEU A 180 -1.60 15.19 -3.79
N ALA A 181 -1.60 16.38 -3.16
CA ALA A 181 -1.67 17.63 -3.92
C ALA A 181 -0.46 17.84 -4.81
N THR A 182 0.66 17.12 -4.60
CA THR A 182 1.79 17.24 -5.52
C THR A 182 1.44 16.75 -6.90
N GLY A 183 0.38 15.95 -7.06
CA GLY A 183 0.04 15.35 -8.32
C GLY A 183 0.89 14.18 -8.73
N LEU A 184 1.72 13.65 -7.83
CA LEU A 184 2.70 12.64 -8.19
C LEU A 184 2.27 11.21 -7.89
N PHE A 185 1.05 10.98 -7.40
CA PHE A 185 0.69 9.63 -6.97
C PHE A 185 0.00 8.86 -8.08
N HIS A 186 0.60 7.74 -8.47
CA HIS A 186 0.05 6.90 -9.52
C HIS A 186 -1.25 6.21 -9.09
N ARG A 187 -1.30 5.75 -7.82
CA ARG A 187 -2.46 5.01 -7.34
C ARG A 187 -2.80 5.49 -5.94
N ILE A 188 -4.09 5.44 -5.61
CA ILE A 188 -4.60 5.74 -4.27
C ILE A 188 -5.48 4.58 -3.86
N HIS A 189 -5.21 3.97 -2.70
CA HIS A 189 -6.00 2.87 -2.18
C HIS A 189 -6.82 3.46 -1.03
N VAL A 190 -8.13 3.53 -1.20
CA VAL A 190 -9.01 4.19 -0.22
C VAL A 190 -9.54 3.11 0.70
N LYS A 191 -9.11 3.09 1.97
CA LYS A 191 -9.59 2.05 2.88
C LYS A 191 -11.04 2.27 3.25
N MET A 192 -11.88 1.23 3.09
CA MET A 192 -13.21 1.24 3.71
C MET A 192 -13.17 0.84 5.16
N PHE A 193 -12.04 0.35 5.64
CA PHE A 193 -11.89 -0.31 6.93
C PHE A 193 -10.89 0.45 7.78
N SER A 194 -10.74 -0.04 9.01
CA SER A 194 -9.83 0.51 10.02
C SER A 194 -10.37 1.82 10.61
N ASP A 195 -9.61 2.41 11.52
CA ASP A 195 -10.06 3.67 12.10
C ASP A 195 -10.35 4.66 10.98
N GLY A 196 -11.41 5.43 11.15
CA GLY A 196 -11.86 6.35 10.12
C GLY A 196 -12.79 5.73 9.09
N ARG A 197 -13.13 4.44 9.26
CA ARG A 197 -14.04 3.77 8.32
C ARG A 197 -15.29 4.59 8.06
N CYS A 198 -15.75 4.64 6.81
CA CYS A 198 -17.03 5.28 6.53
C CYS A 198 -18.18 4.44 7.08
N PRO A 199 -19.24 5.07 7.52
CA PRO A 199 -20.48 4.30 7.74
C PRO A 199 -20.91 3.67 6.41
N ALA A 200 -21.55 2.51 6.51
CA ALA A 200 -21.83 1.75 5.28
C ALA A 200 -22.60 2.56 4.24
N TRP A 201 -23.54 3.40 4.67
CA TRP A 201 -24.37 4.10 3.71
C TRP A 201 -23.57 5.06 2.85
N SER A 202 -22.41 5.53 3.33
CA SER A 202 -21.67 6.55 2.62
C SER A 202 -20.50 5.99 1.79
N ARG A 203 -20.30 4.66 1.75
CA ARG A 203 -19.12 4.13 1.06
C ARG A 203 -19.06 4.53 -0.41
N ARG A 204 -20.18 4.46 -1.11
CA ARG A 204 -20.19 4.77 -2.54
C ARG A 204 -19.84 6.22 -2.80
N GLN A 205 -20.50 7.14 -2.08
CA GLN A 205 -20.26 8.55 -2.32
C GLN A 205 -18.85 8.94 -1.90
N SER A 206 -18.33 8.30 -0.83
CA SER A 206 -16.97 8.62 -0.40
C SER A 206 -15.96 8.18 -1.44
N PHE A 207 -16.11 6.95 -1.93
CA PHE A 207 -15.18 6.50 -2.93
C PHE A 207 -15.26 7.38 -4.17
N GLU A 208 -16.47 7.69 -4.62
CA GLU A 208 -16.57 8.50 -5.83
C GLU A 208 -15.97 9.88 -5.63
N LYS A 209 -16.08 10.44 -4.44
CA LYS A 209 -15.40 11.71 -4.19
C LYS A 209 -13.89 11.59 -4.36
N TRP A 210 -13.29 10.55 -3.77
CA TRP A 210 -11.86 10.35 -3.98
C TRP A 210 -11.53 10.19 -5.46
N ALA A 211 -12.30 9.34 -6.17
CA ALA A 211 -12.00 9.09 -7.59
C ALA A 211 -12.05 10.39 -8.40
N LYS A 212 -13.10 11.18 -8.17
CA LYS A 212 -13.28 12.38 -8.99
C LYS A 212 -12.31 13.48 -8.58
N THR A 213 -11.79 13.45 -7.37
CA THR A 213 -10.83 14.47 -6.93
C THR A 213 -9.45 14.26 -7.56
N TYR A 214 -9.10 13.00 -7.87
CA TYR A 214 -7.77 12.65 -8.37
C TYR A 214 -7.91 11.91 -9.69
N PRO A 215 -8.40 12.60 -10.74
CA PRO A 215 -8.68 11.92 -12.00
C PRO A 215 -7.46 11.38 -12.72
N GLN A 216 -6.27 11.86 -12.39
CA GLN A 216 -5.05 11.36 -12.99
C GLN A 216 -4.46 10.16 -12.26
N SER A 217 -5.04 9.77 -11.13
CA SER A 217 -4.57 8.59 -10.41
C SER A 217 -5.55 7.46 -10.67
N ARG A 218 -5.06 6.21 -10.63
CA ARG A 218 -5.99 5.08 -10.49
C ARG A 218 -6.36 4.94 -9.02
N VAL A 219 -7.65 4.85 -8.75
CA VAL A 219 -8.16 4.87 -7.39
C VAL A 219 -8.83 3.54 -7.11
N LEU A 220 -8.34 2.86 -6.06
CA LEU A 220 -8.74 1.50 -5.73
C LEU A 220 -9.50 1.53 -4.40
N ILE A 221 -10.44 0.59 -4.25
CA ILE A 221 -11.17 0.46 -2.99
C ILE A 221 -10.49 -0.58 -2.09
N GLY A 222 -10.18 -0.21 -0.85
CA GLY A 222 -9.55 -1.09 0.11
C GLY A 222 -10.59 -1.76 0.98
N VAL A 223 -10.52 -3.09 1.06
CA VAL A 223 -11.51 -3.86 1.80
C VAL A 223 -10.79 -4.88 2.66
N VAL A 224 -11.48 -5.37 3.70
CA VAL A 224 -10.92 -6.48 4.48
C VAL A 224 -11.46 -7.82 3.97
N ALA A 225 -10.63 -8.85 4.07
CA ALA A 225 -11.04 -10.16 3.60
C ALA A 225 -11.86 -10.92 4.62
N SER A 226 -12.02 -10.40 5.82
CA SER A 226 -12.73 -11.15 6.88
C SER A 226 -13.28 -10.16 7.89
N PRO A 227 -14.47 -10.45 8.46
CA PRO A 227 -14.95 -9.62 9.56
C PRO A 227 -14.16 -9.80 10.84
N ASP A 228 -13.26 -10.77 10.91
CA ASP A 228 -12.35 -10.84 12.05
C ASP A 228 -11.38 -9.67 12.06
N VAL A 229 -11.09 -9.07 10.89
CA VAL A 229 -10.23 -7.88 10.82
C VAL A 229 -11.00 -6.64 11.21
N ASP A 230 -12.19 -6.45 10.66
CA ASP A 230 -13.01 -5.26 10.90
C ASP A 230 -14.46 -5.67 10.65
N LYS A 231 -15.20 -5.90 11.74
CA LYS A 231 -16.53 -6.46 11.56
C LYS A 231 -17.49 -5.48 10.93
N ASP A 232 -17.36 -4.20 11.25
CA ASP A 232 -18.25 -3.18 10.71
C ASP A 232 -17.96 -2.88 9.26
N ALA A 233 -16.69 -2.96 8.86
CA ALA A 233 -16.35 -2.56 7.50
C ALA A 233 -16.42 -3.74 6.52
N TYR A 234 -16.48 -4.97 7.02
CA TYR A 234 -16.46 -6.12 6.12
C TYR A 234 -17.68 -6.11 5.21
N MET A 235 -17.43 -6.36 3.93
CA MET A 235 -18.48 -6.56 2.93
C MET A 235 -18.22 -7.94 2.35
N PRO A 236 -19.18 -8.85 2.39
CA PRO A 236 -18.96 -10.14 1.70
C PRO A 236 -18.86 -9.92 0.20
N PRO A 237 -18.27 -10.88 -0.52
CA PRO A 237 -18.08 -10.72 -1.98
C PRO A 237 -19.31 -10.20 -2.71
N GLU A 238 -20.49 -10.77 -2.40
CA GLU A 238 -21.70 -10.34 -3.09
C GLU A 238 -22.02 -8.88 -2.84
N ALA A 239 -21.78 -8.40 -1.60
CA ALA A 239 -22.03 -6.99 -1.31
C ALA A 239 -20.97 -6.10 -1.94
N LEU A 240 -19.70 -6.52 -1.94
CA LEU A 240 -18.71 -5.71 -2.63
C LEU A 240 -19.02 -5.65 -4.12
N ASN A 241 -19.44 -6.76 -4.74
CA ASN A 241 -19.79 -6.69 -6.16
C ASN A 241 -20.94 -5.74 -6.41
N ASN A 242 -21.91 -5.68 -5.49
CA ASN A 242 -22.99 -4.70 -5.64
C ASN A 242 -22.45 -3.27 -5.63
N LEU A 243 -21.50 -2.97 -4.75
CA LEU A 243 -20.90 -1.65 -4.73
C LEU A 243 -20.07 -1.40 -5.98
N LEU A 244 -19.30 -2.40 -6.42
CA LEU A 244 -18.42 -2.26 -7.58
C LEU A 244 -19.20 -1.97 -8.84
N GLN A 245 -20.44 -2.50 -8.94
CA GLN A 245 -21.18 -2.21 -10.18
C GLN A 245 -21.46 -0.70 -10.33
N PHE A 246 -21.44 0.05 -9.23
CA PHE A 246 -21.50 1.50 -9.35
C PHE A 246 -20.12 2.11 -9.52
N ILE A 247 -19.17 1.77 -8.63
CA ILE A 247 -17.94 2.55 -8.63
C ILE A 247 -16.98 2.19 -9.74
N ASN A 248 -17.16 1.02 -10.36
CA ASN A 248 -16.33 0.67 -11.50
C ASN A 248 -16.68 1.50 -12.74
N LYS A 249 -17.72 2.34 -12.66
CA LYS A 249 -18.05 3.25 -13.76
C LYS A 249 -17.21 4.52 -13.72
N GLN A 250 -16.45 4.74 -12.63
CA GLN A 250 -15.52 5.86 -12.64
C GLN A 250 -14.39 5.60 -13.62
N PRO A 251 -14.04 6.57 -14.46
CA PRO A 251 -13.05 6.28 -15.51
C PRO A 251 -11.71 5.89 -14.95
N ASN A 252 -11.39 6.30 -13.72
CA ASN A 252 -10.11 6.01 -13.10
C ASN A 252 -10.23 4.92 -12.03
N PHE A 253 -11.34 4.21 -11.99
CA PHE A 253 -11.42 3.08 -11.06
C PHE A 253 -10.26 2.15 -11.34
N GLY A 254 -9.53 1.74 -10.28
CA GLY A 254 -8.27 1.03 -10.45
C GLY A 254 -8.29 -0.39 -9.96
N GLY A 255 -9.34 -0.83 -9.26
CA GLY A 255 -9.39 -2.18 -8.70
C GLY A 255 -9.62 -2.17 -7.21
N VAL A 256 -9.22 -3.27 -6.60
CA VAL A 256 -9.52 -3.57 -5.19
C VAL A 256 -8.20 -3.89 -4.48
N MET A 257 -8.00 -3.29 -3.30
CA MET A 257 -6.90 -3.69 -2.42
C MET A 257 -7.50 -4.46 -1.26
N VAL A 258 -6.87 -5.56 -0.87
CA VAL A 258 -7.45 -6.46 0.12
C VAL A 258 -6.48 -6.60 1.31
N TRP A 259 -7.00 -6.34 2.51
CA TRP A 259 -6.28 -6.62 3.75
C TRP A 259 -6.81 -7.95 4.28
N ASP A 260 -6.03 -9.02 4.28
CA ASP A 260 -4.63 -9.11 3.87
C ASP A 260 -4.43 -10.55 3.36
N ARG A 261 -3.20 -10.92 3.06
CA ARG A 261 -2.96 -12.27 2.52
C ARG A 261 -3.42 -13.35 3.49
N PHE A 262 -3.10 -13.19 4.78
CA PHE A 262 -3.49 -14.22 5.76
C PHE A 262 -5.00 -14.45 5.73
N TYR A 263 -5.77 -13.39 5.81
CA TYR A 263 -7.21 -13.52 5.86
C TYR A 263 -7.82 -13.84 4.51
N ASP A 264 -7.15 -13.44 3.43
CA ASP A 264 -7.65 -13.83 2.11
C ASP A 264 -7.48 -15.32 1.90
N LYS A 265 -6.37 -15.89 2.36
CA LYS A 265 -6.26 -17.36 2.36
C LYS A 265 -7.31 -17.99 3.23
N LYS A 266 -7.58 -17.43 4.39
CA LYS A 266 -8.52 -18.01 5.35
C LYS A 266 -9.93 -18.07 4.78
N THR A 267 -10.38 -17.02 4.13
CA THR A 267 -11.75 -16.94 3.66
C THR A 267 -11.91 -17.19 2.18
N GLY A 268 -10.86 -17.20 1.41
CA GLY A 268 -11.01 -17.26 -0.02
C GLY A 268 -11.63 -16.02 -0.65
N PHE A 269 -11.58 -14.86 0.03
CA PHE A 269 -12.32 -13.68 -0.40
C PHE A 269 -12.12 -13.33 -1.88
N THR A 270 -10.86 -13.14 -2.31
CA THR A 270 -10.65 -12.72 -3.68
C THR A 270 -11.09 -13.79 -4.68
N ALA A 271 -10.96 -15.05 -4.30
CA ALA A 271 -11.38 -16.12 -5.21
C ALA A 271 -12.90 -16.22 -5.31
N HIS A 272 -13.64 -15.65 -4.37
CA HIS A 272 -15.10 -15.65 -4.41
C HIS A 272 -15.67 -14.37 -5.00
N LEU A 273 -14.84 -13.36 -5.22
CA LEU A 273 -15.34 -12.11 -5.80
C LEU A 273 -15.70 -12.29 -7.29
#